data_3OVM
#
_entry.id   3OVM
#
_cell.length_a   56.449
_cell.length_b   84.139
_cell.length_c   106.585
_cell.angle_alpha   90.00
_cell.angle_beta   90.00
_cell.angle_gamma   90.00
#
_symmetry.space_group_name_H-M   'P 21 21 21'
#
loop_
_entity.id
_entity.type
_entity.pdbx_description
1 polymer 'Ribosyldihydronicotinamide dehydrogenase [quinone]'
2 non-polymer 'ZINC ION'
3 non-polymer 'methyl {3-[2-(acetylamino)ethyl]-1H-indol-5-yl}carbamate'
4 non-polymer 'FLAVIN-ADENINE DINUCLEOTIDE'
5 water water
#
_entity_poly.entity_id   1
_entity_poly.type   'polypeptide(L)'
_entity_poly.pdbx_seq_one_letter_code
;MAGKKVLIVYAHQEPKSFNGSLKNVAVDELSRQGCTVTVSDLYAMNFEPRATDKDITGTLSNPEVFNYGVETHEAYKQRS
LASDITDEQKKVREADLVIFQFPLYWFSVPAILKGWMDRVLCQGFAFDIPGFYDSGLLQGKLALLSVTTGGTAEMYTKTG
VNGDSRYFLWPLQHGTLHFCGFKVLAPQISFAPEIASEEERKGMVAAWSQRLQTIWKEEPIPCTAHWHFGQ
;
_entity_poly.pdbx_strand_id   A,B
#
loop_
_chem_comp.id
_chem_comp.type
_chem_comp.name
_chem_comp.formula
FAD non-polymer 'FLAVIN-ADENINE DINUCLEOTIDE' 'C27 H33 N9 O15 P2'
MZC non-polymer 'methyl {3-[2-(acetylamino)ethyl]-1H-indol-5-yl}carbamate' 'C14 H17 N3 O3'
ZN non-polymer 'ZINC ION' 'Zn 2'
#
# COMPACT_ATOMS: atom_id res chain seq x y z
N GLY A 3 8.65 30.79 -11.73
CA GLY A 3 7.28 30.18 -11.74
C GLY A 3 7.44 28.69 -11.52
N LYS A 4 6.70 28.12 -10.57
CA LYS A 4 6.73 26.68 -10.34
C LYS A 4 5.35 26.07 -10.43
N LYS A 5 5.28 24.81 -10.85
CA LYS A 5 4.03 24.05 -10.82
C LYS A 5 4.04 23.01 -9.71
N VAL A 6 2.99 23.06 -8.90
CA VAL A 6 2.75 22.13 -7.79
C VAL A 6 1.47 21.29 -8.00
N LEU A 7 1.66 19.97 -7.89
CA LEU A 7 0.52 19.02 -7.83
C LEU A 7 0.37 18.51 -6.43
N ILE A 8 -0.81 18.69 -5.83
CA ILE A 8 -1.13 18.01 -4.57
C ILE A 8 -2.03 16.83 -4.87
N VAL A 9 -1.54 15.64 -4.52
CA VAL A 9 -2.35 14.42 -4.58
C VAL A 9 -2.91 14.18 -3.20
N TYR A 10 -4.22 14.22 -3.11
CA TYR A 10 -4.85 14.32 -1.82
C TYR A 10 -5.84 13.16 -1.64
N ALA A 11 -5.71 12.47 -0.50
CA ALA A 11 -6.51 11.24 -0.23
C ALA A 11 -7.18 11.27 1.14
N HIS A 12 -8.27 12.02 1.24
CA HIS A 12 -9.08 11.99 2.43
C HIS A 12 -10.55 12.25 2.03
N GLN A 13 -11.44 11.50 2.72
CA GLN A 13 -12.90 11.53 2.45
C GLN A 13 -13.60 12.84 2.87
N GLU A 14 -13.04 13.52 3.86
CA GLU A 14 -13.72 14.64 4.55
C GLU A 14 -13.02 16.02 4.49
N PRO A 15 -13.64 17.00 3.78
CA PRO A 15 -13.07 18.34 3.68
C PRO A 15 -12.70 19.00 5.03
N LYS A 16 -13.45 18.71 6.09
CA LYS A 16 -13.20 19.36 7.41
C LYS A 16 -12.17 18.64 8.23
N SER A 17 -11.51 17.64 7.65
CA SER A 17 -10.58 16.81 8.40
C SER A 17 -9.28 17.57 8.57
N PHE A 18 -8.43 17.04 9.43
CA PHE A 18 -7.16 17.63 9.62
C PHE A 18 -6.36 17.58 8.31
N ASN A 19 -6.48 16.47 7.56
CA ASN A 19 -5.86 16.38 6.23
C ASN A 19 -6.40 17.44 5.27
N GLY A 20 -7.70 17.69 5.34
CA GLY A 20 -8.35 18.71 4.50
C GLY A 20 -7.72 20.07 4.75
N SER A 21 -7.56 20.40 6.03
CA SER A 21 -6.94 21.67 6.45
C SER A 21 -5.48 21.78 6.06
N LEU A 22 -4.74 20.65 6.09
CA LEU A 22 -3.36 20.66 5.63
C LEU A 22 -3.27 20.88 4.12
N LYS A 23 -4.22 20.29 3.39
CA LYS A 23 -4.29 20.47 1.96
C LYS A 23 -4.66 21.92 1.62
N ASN A 24 -5.64 22.48 2.33
CA ASN A 24 -6.08 23.86 2.09
C ASN A 24 -5.01 24.92 2.41
N VAL A 25 -4.21 24.66 3.45
CA VAL A 25 -3.10 25.52 3.86
C VAL A 25 -1.92 25.46 2.84
N ALA A 26 -1.68 24.30 2.25
CA ALA A 26 -0.74 24.16 1.14
C ALA A 26 -1.19 24.90 -0.13
N VAL A 27 -2.45 24.69 -0.52
CA VAL A 27 -3.08 25.45 -1.59
C VAL A 27 -2.95 26.98 -1.36
N ASP A 28 -3.40 27.45 -0.21
CA ASP A 28 -3.29 28.88 0.16
C ASP A 28 -1.87 29.46 0.07
N GLU A 29 -0.92 28.82 0.76
CA GLU A 29 0.44 29.32 0.87
C GLU A 29 1.21 29.30 -0.45
N LEU A 30 1.10 28.20 -1.20
CA LEU A 30 1.74 28.11 -2.52
C LEU A 30 1.08 29.03 -3.56
N SER A 31 -0.23 29.20 -3.47
CA SER A 31 -0.96 30.18 -4.30
C SER A 31 -0.48 31.64 -3.99
N ARG A 32 -0.43 31.99 -2.69
CA ARG A 32 0.17 33.25 -2.17
C ARG A 32 1.54 33.55 -2.76
N GLN A 33 2.35 32.52 -2.91
CA GLN A 33 3.70 32.67 -3.42
C GLN A 33 3.73 32.87 -4.93
N GLY A 34 2.60 32.68 -5.59
CA GLY A 34 2.53 32.80 -7.05
C GLY A 34 2.74 31.50 -7.80
N CYS A 35 2.83 30.38 -7.08
CA CYS A 35 2.99 29.05 -7.70
C CYS A 35 1.74 28.64 -8.45
N THR A 36 1.94 27.83 -9.48
CA THR A 36 0.85 27.21 -10.21
C THR A 36 0.45 25.94 -9.41
N VAL A 37 -0.81 25.86 -9.01
CA VAL A 37 -1.27 24.77 -8.12
C VAL A 37 -2.43 23.96 -8.73
N THR A 38 -2.31 22.64 -8.63
CA THR A 38 -3.35 21.71 -9.05
C THR A 38 -3.53 20.69 -7.92
N VAL A 39 -4.79 20.36 -7.60
CA VAL A 39 -5.12 19.30 -6.61
C VAL A 39 -5.83 18.12 -7.30
N SER A 40 -5.33 16.89 -7.07
CA SER A 40 -6.10 15.68 -7.39
C SER A 40 -6.73 15.12 -6.11
N ASP A 41 -8.02 15.45 -5.90
CA ASP A 41 -8.79 14.99 -4.76
C ASP A 41 -9.40 13.63 -5.08
N LEU A 42 -8.63 12.56 -4.82
CA LEU A 42 -8.96 11.20 -5.27
C LEU A 42 -10.35 10.74 -4.88
N TYR A 43 -10.77 11.02 -3.65
CA TYR A 43 -12.07 10.50 -3.24
C TYR A 43 -13.19 11.26 -4.00
N ALA A 44 -13.05 12.57 -4.16
CA ALA A 44 -14.03 13.42 -4.87
C ALA A 44 -14.10 13.08 -6.35
N MET A 45 -12.97 12.65 -6.91
CA MET A 45 -12.95 12.11 -8.27
C MET A 45 -13.45 10.64 -8.38
N ASN A 46 -13.67 9.97 -7.23
CA ASN A 46 -13.88 8.51 -7.18
C ASN A 46 -12.79 7.80 -8.01
N PHE A 47 -11.52 8.17 -7.80
CA PHE A 47 -10.42 7.59 -8.58
C PHE A 47 -10.42 6.04 -8.49
N GLU A 48 -10.31 5.39 -9.64
CA GLU A 48 -10.21 3.94 -9.71
C GLU A 48 -8.81 3.47 -9.26
N PRO A 49 -8.73 2.70 -8.16
CA PRO A 49 -7.49 2.14 -7.65
C PRO A 49 -7.11 0.79 -8.27
N ARG A 50 -8.06 0.06 -8.90
CA ARG A 50 -7.73 -1.28 -9.42
C ARG A 50 -6.99 -1.27 -10.73
N ALA A 51 -5.92 -2.05 -10.79
CA ALA A 51 -5.15 -2.26 -12.01
C ALA A 51 -5.78 -3.37 -12.87
N THR A 52 -6.56 -3.00 -13.88
CA THR A 52 -7.33 -3.96 -14.66
C THR A 52 -7.13 -3.66 -16.12
N ASP A 53 -7.63 -4.57 -16.97
CA ASP A 53 -7.63 -4.39 -18.42
C ASP A 53 -8.45 -3.20 -18.93
N LYS A 54 -9.35 -2.67 -18.10
CA LYS A 54 -10.05 -1.42 -18.47
C LYS A 54 -9.13 -0.20 -18.59
N ASP A 55 -7.86 -0.36 -18.18
CA ASP A 55 -6.91 0.76 -18.20
C ASP A 55 -6.34 0.98 -19.60
N ILE A 56 -6.59 0.01 -20.48
CA ILE A 56 -6.20 0.08 -21.87
C ILE A 56 -7.46 0.17 -22.68
N THR A 57 -7.55 1.23 -23.50
CA THR A 57 -8.72 1.47 -24.36
C THR A 57 -8.56 0.67 -25.65
N GLY A 58 -9.68 0.30 -26.27
CA GLY A 58 -9.64 -0.48 -27.51
C GLY A 58 -9.19 -1.91 -27.28
N THR A 59 -8.54 -2.50 -28.28
CA THR A 59 -8.17 -3.93 -28.20
C THR A 59 -6.83 -4.15 -27.50
N LEU A 60 -6.78 -5.20 -26.69
CA LEU A 60 -5.57 -5.53 -25.94
C LEU A 60 -4.51 -6.14 -26.85
N SER A 61 -3.26 -5.92 -26.47
CA SER A 61 -2.08 -6.44 -27.17
C SER A 61 -2.04 -7.98 -27.27
N ASN A 62 -2.66 -8.66 -26.32
CA ASN A 62 -2.71 -10.14 -26.26
C ASN A 62 -3.90 -10.50 -25.40
N PRO A 63 -5.10 -10.60 -26.01
CA PRO A 63 -6.31 -10.82 -25.24
C PRO A 63 -6.47 -12.25 -24.64
N GLU A 64 -5.38 -13.01 -24.61
CA GLU A 64 -5.42 -14.39 -24.11
C GLU A 64 -4.83 -14.54 -22.71
N VAL A 65 -3.62 -14.01 -22.54
CA VAL A 65 -2.94 -13.94 -21.25
C VAL A 65 -2.76 -12.43 -20.95
N PHE A 66 -3.43 -11.95 -19.89
CA PHE A 66 -3.35 -10.52 -19.52
C PHE A 66 -2.21 -10.23 -18.56
N ASN A 67 -1.31 -9.38 -18.99
CA ASN A 67 -0.15 -9.01 -18.20
C ASN A 67 -0.22 -7.50 -18.01
N TYR A 68 -0.46 -7.05 -16.78
CA TYR A 68 -0.77 -5.65 -16.56
C TYR A 68 0.38 -4.70 -16.93
N GLY A 69 1.58 -4.97 -16.39
CA GLY A 69 2.75 -4.16 -16.66
C GLY A 69 3.08 -4.03 -18.15
N VAL A 70 2.84 -5.12 -18.89
CA VAL A 70 3.20 -5.16 -20.31
C VAL A 70 2.17 -4.42 -21.13
N GLU A 71 0.90 -4.70 -20.87
CA GLU A 71 -0.19 -4.10 -21.64
C GLU A 71 -0.26 -2.58 -21.42
N THR A 72 0.12 -2.13 -20.23
CA THR A 72 0.10 -0.69 -19.93
C THR A 72 1.31 0.02 -20.49
N HIS A 73 2.47 -0.64 -20.49
CA HIS A 73 3.66 -0.14 -21.17
C HIS A 73 3.35 0.16 -22.64
N GLU A 74 2.85 -0.85 -23.35
CA GLU A 74 2.53 -0.72 -24.77
C GLU A 74 1.44 0.31 -25.01
N ALA A 75 0.41 0.33 -24.15
CA ALA A 75 -0.66 1.33 -24.29
C ALA A 75 -0.13 2.77 -24.07
N TYR A 76 0.81 2.93 -23.14
CA TYR A 76 1.43 4.23 -22.93
C TYR A 76 2.14 4.71 -24.21
N LYS A 77 3.12 3.90 -24.66
CA LYS A 77 3.92 4.20 -25.84
C LYS A 77 3.05 4.51 -27.04
N GLN A 78 2.00 3.71 -27.20
CA GLN A 78 1.09 3.85 -28.32
C GLN A 78 -0.11 4.72 -27.98
N ARG A 79 0.03 5.56 -26.94
CA ARG A 79 -1.00 6.51 -26.47
C ARG A 79 -2.42 5.91 -26.36
N SER A 80 -2.51 4.78 -25.65
CA SER A 80 -3.78 4.05 -25.54
C SER A 80 -4.30 3.77 -24.10
N LEU A 81 -3.77 4.48 -23.10
CA LEU A 81 -4.23 4.36 -21.72
C LEU A 81 -5.59 5.06 -21.48
N ALA A 82 -6.35 4.59 -20.50
CA ALA A 82 -7.59 5.26 -20.10
C ALA A 82 -7.32 6.73 -19.72
N SER A 83 -8.31 7.57 -19.93
CA SER A 83 -8.10 9.01 -19.79
C SER A 83 -7.91 9.47 -18.33
N ASP A 84 -8.47 8.73 -17.35
CA ASP A 84 -8.16 9.05 -15.96
C ASP A 84 -6.67 8.97 -15.65
N ILE A 85 -6.01 7.95 -16.20
CA ILE A 85 -4.55 7.79 -16.05
C ILE A 85 -3.76 8.91 -16.77
N THR A 86 -4.06 9.10 -18.04
CA THR A 86 -3.30 10.10 -18.83
C THR A 86 -3.48 11.53 -18.30
N ASP A 87 -4.70 11.86 -17.84
CA ASP A 87 -4.93 13.14 -17.14
C ASP A 87 -4.00 13.33 -15.93
N GLU A 88 -3.80 12.27 -15.14
CA GLU A 88 -2.90 12.35 -13.98
C GLU A 88 -1.43 12.50 -14.39
N GLN A 89 -1.04 11.75 -15.41
CA GLN A 89 0.32 11.81 -15.95
C GLN A 89 0.66 13.17 -16.53
N LYS A 90 -0.29 13.80 -17.22
CA LYS A 90 -0.05 15.17 -17.69
C LYS A 90 0.22 16.12 -16.49
N LYS A 91 -0.61 16.05 -15.45
CA LYS A 91 -0.38 16.82 -14.20
C LYS A 91 1.01 16.53 -13.61
N VAL A 92 1.41 15.26 -13.59
CA VAL A 92 2.71 14.88 -13.04
C VAL A 92 3.86 15.41 -13.93
N ARG A 93 3.72 15.25 -15.24
CA ARG A 93 4.73 15.71 -16.20
C ARG A 93 5.06 17.21 -16.03
N GLU A 94 4.04 18.02 -15.74
CA GLU A 94 4.22 19.48 -15.72
C GLU A 94 4.66 19.96 -14.36
N ALA A 95 4.48 19.12 -13.36
CA ALA A 95 4.75 19.52 -11.99
C ALA A 95 6.26 19.55 -11.69
N ASP A 96 6.66 20.54 -10.89
CA ASP A 96 8.02 20.64 -10.37
C ASP A 96 8.11 19.98 -9.00
N LEU A 97 6.96 19.97 -8.31
CA LEU A 97 6.85 19.40 -6.98
C LEU A 97 5.52 18.65 -6.91
N VAL A 98 5.57 17.43 -6.37
CA VAL A 98 4.37 16.66 -6.07
C VAL A 98 4.28 16.44 -4.55
N ILE A 99 3.25 17.01 -3.94
CA ILE A 99 2.90 16.75 -2.55
C ILE A 99 1.79 15.70 -2.48
N PHE A 100 2.00 14.67 -1.68
CA PHE A 100 0.99 13.66 -1.35
C PHE A 100 0.54 13.91 0.08
N GLN A 101 -0.76 14.14 0.25
CA GLN A 101 -1.32 14.44 1.54
C GLN A 101 -2.30 13.33 1.89
N PHE A 102 -2.06 12.60 2.97
CA PHE A 102 -2.87 11.43 3.28
C PHE A 102 -2.76 11.04 4.75
N PRO A 103 -3.84 10.45 5.32
CA PRO A 103 -3.65 9.75 6.58
C PRO A 103 -2.94 8.43 6.38
N LEU A 104 -2.07 8.07 7.32
CA LEU A 104 -1.39 6.77 7.33
C LEU A 104 -2.40 5.62 7.52
N TYR A 105 -2.48 4.72 6.54
CA TYR A 105 -3.34 3.54 6.68
C TYR A 105 -2.43 2.32 6.62
N TRP A 106 -2.38 1.57 7.71
CA TRP A 106 -1.57 0.37 7.81
C TRP A 106 -0.12 0.60 7.41
N PHE A 107 0.51 1.63 8.00
CA PHE A 107 1.95 1.89 7.74
C PHE A 107 2.18 2.28 6.29
N SER A 108 1.11 2.74 5.62
CA SER A 108 1.23 3.02 4.18
C SER A 108 0.16 4.04 3.75
N VAL A 109 -0.06 4.14 2.44
CA VAL A 109 -1.01 5.12 1.88
C VAL A 109 -2.38 4.42 1.85
N PRO A 110 -3.48 5.16 2.01
CA PRO A 110 -4.80 4.54 1.74
C PRO A 110 -4.85 3.85 0.36
N ALA A 111 -5.62 2.78 0.22
CA ALA A 111 -5.69 2.06 -1.06
C ALA A 111 -5.97 2.94 -2.30
N ILE A 112 -6.78 3.98 -2.14
CA ILE A 112 -7.13 4.83 -3.30
C ILE A 112 -5.86 5.51 -3.86
N LEU A 113 -4.98 5.92 -2.95
CA LEU A 113 -3.70 6.55 -3.34
C LEU A 113 -2.71 5.49 -3.82
N LYS A 114 -2.79 4.29 -3.25
CA LYS A 114 -1.90 3.22 -3.70
C LYS A 114 -2.24 2.91 -5.15
N GLY A 115 -3.53 2.96 -5.47
CA GLY A 115 -3.97 2.70 -6.84
C GLY A 115 -3.55 3.80 -7.82
N TRP A 116 -3.56 5.04 -7.37
CA TRP A 116 -2.97 6.14 -8.15
C TRP A 116 -1.50 5.82 -8.51
N MET A 117 -0.70 5.45 -7.52
CA MET A 117 0.70 5.13 -7.78
C MET A 117 0.81 3.92 -8.72
N ASP A 118 0.00 2.88 -8.45
CA ASP A 118 0.01 1.67 -9.30
C ASP A 118 -0.30 1.95 -10.75
N ARG A 119 -1.25 2.85 -11.01
CA ARG A 119 -1.83 3.02 -12.36
C ARG A 119 -1.24 4.21 -13.12
N VAL A 120 -0.87 5.28 -12.42
CA VAL A 120 -0.37 6.49 -13.07
C VAL A 120 1.14 6.40 -13.40
N LEU A 121 1.92 5.84 -12.46
CA LEU A 121 3.36 5.71 -12.63
C LEU A 121 3.71 4.46 -13.42
N CYS A 122 3.26 4.38 -14.67
CA CYS A 122 3.44 3.18 -15.49
C CYS A 122 4.80 3.13 -16.19
N GLN A 123 5.16 1.94 -16.66
CA GLN A 123 6.39 1.74 -17.41
C GLN A 123 6.35 2.58 -18.67
N GLY A 124 7.40 3.34 -18.91
CA GLY A 124 7.42 4.20 -20.10
C GLY A 124 7.19 5.65 -19.73
N PHE A 125 6.45 5.87 -18.64
CA PHE A 125 6.19 7.21 -18.13
C PHE A 125 7.09 7.55 -16.95
N ALA A 126 7.07 6.70 -15.93
CA ALA A 126 7.81 6.96 -14.71
C ALA A 126 9.22 6.33 -14.70
N PHE A 127 9.42 5.31 -15.55
CA PHE A 127 10.66 4.52 -15.56
C PHE A 127 10.58 3.58 -16.76
N ASP A 128 11.73 3.03 -17.17
CA ASP A 128 11.76 1.93 -18.15
C ASP A 128 12.46 0.73 -17.49
N ILE A 129 12.41 -0.45 -18.10
CA ILE A 129 13.17 -1.62 -17.57
C ILE A 129 14.14 -2.14 -18.62
N PRO A 130 15.45 -1.86 -18.44
CA PRO A 130 15.99 -1.02 -17.37
C PRO A 130 15.76 0.47 -17.66
N GLY A 131 16.21 1.33 -16.75
CA GLY A 131 15.89 2.76 -16.81
C GLY A 131 15.07 3.19 -15.60
N PHE A 132 15.65 3.02 -14.41
CA PHE A 132 15.03 3.41 -13.14
C PHE A 132 16.01 4.01 -12.13
N TYR A 133 15.57 4.14 -10.88
CA TYR A 133 16.22 5.00 -9.88
C TYR A 133 16.78 6.26 -10.54
N ASP A 134 18.08 6.29 -10.78
CA ASP A 134 18.67 7.52 -11.32
C ASP A 134 18.50 7.70 -12.82
N SER A 135 18.40 6.60 -13.57
CA SER A 135 17.95 6.71 -14.95
C SER A 135 16.39 6.66 -15.04
N GLY A 136 15.74 7.10 -13.96
CA GLY A 136 14.26 7.13 -13.84
C GLY A 136 13.71 8.40 -14.47
N LEU A 137 12.62 8.24 -15.21
CA LEU A 137 12.15 9.26 -16.16
C LEU A 137 11.56 10.55 -15.60
N LEU A 138 11.46 10.65 -14.27
CA LEU A 138 10.90 11.83 -13.61
C LEU A 138 11.97 12.63 -12.85
N GLN A 139 13.23 12.47 -13.27
CA GLN A 139 14.37 13.18 -12.66
C GLN A 139 14.21 14.69 -12.71
N GLY A 140 14.60 15.33 -11.61
CA GLY A 140 14.48 16.77 -11.55
C GLY A 140 13.26 17.24 -10.78
N LYS A 141 12.23 16.42 -10.71
CA LYS A 141 11.02 16.73 -9.92
C LYS A 141 11.22 16.46 -8.45
N LEU A 142 10.60 17.27 -7.61
CA LEU A 142 10.61 17.04 -6.19
C LEU A 142 9.35 16.33 -5.70
N ALA A 143 9.47 15.51 -4.65
CA ALA A 143 8.31 14.88 -4.01
C ALA A 143 8.41 14.98 -2.51
N LEU A 144 7.25 15.03 -1.87
CA LEU A 144 7.14 15.26 -0.45
C LEU A 144 5.90 14.52 0.03
N LEU A 145 6.09 13.67 1.04
CA LEU A 145 4.96 13.03 1.70
C LEU A 145 4.58 13.85 2.92
N SER A 146 3.31 14.20 3.01
CA SER A 146 2.76 14.86 4.17
C SER A 146 1.73 13.92 4.74
N VAL A 147 2.07 13.29 5.87
CA VAL A 147 1.30 12.19 6.47
C VAL A 147 0.77 12.58 7.85
N THR A 148 -0.47 12.18 8.15
CA THR A 148 -1.03 12.26 9.50
C THR A 148 -1.15 10.82 10.10
N THR A 149 -1.03 10.69 11.42
CA THR A 149 -0.99 9.35 12.08
C THR A 149 -2.01 9.25 13.20
N GLY A 150 -2.35 8.01 13.56
CA GLY A 150 -3.10 7.74 14.77
C GLY A 150 -2.15 7.73 15.95
N GLY A 151 -1.00 7.08 15.79
CA GLY A 151 -0.03 6.92 16.88
C GLY A 151 0.81 8.17 17.15
N THR A 152 1.20 8.35 18.41
CA THR A 152 2.03 9.51 18.82
C THR A 152 3.46 9.35 18.33
N ALA A 153 4.24 10.44 18.39
CA ALA A 153 5.65 10.39 17.99
C ALA A 153 6.51 9.45 18.83
N GLU A 154 6.15 9.27 20.10
CA GLU A 154 6.86 8.31 20.98
C GLU A 154 6.79 6.89 20.43
N MET A 155 5.58 6.48 20.05
CA MET A 155 5.33 5.14 19.51
C MET A 155 6.17 4.89 18.27
N TYR A 156 6.45 5.97 17.52
CA TYR A 156 7.27 5.89 16.30
C TYR A 156 8.75 6.23 16.54
N THR A 157 9.29 5.78 17.66
CA THR A 157 10.73 5.83 17.91
C THR A 157 11.27 4.41 17.73
N LYS A 158 12.57 4.27 17.49
CA LYS A 158 13.13 2.98 17.00
C LYS A 158 12.99 1.84 18.04
N THR A 159 12.75 2.24 19.30
CA THR A 159 12.38 1.31 20.37
C THR A 159 10.94 1.61 20.85
N GLY A 160 10.13 2.22 20.01
CA GLY A 160 8.70 2.34 20.29
C GLY A 160 8.02 1.08 19.77
N VAL A 161 6.75 0.88 20.13
CA VAL A 161 5.99 -0.25 19.58
C VAL A 161 5.97 -0.28 18.03
N ASN A 162 5.84 0.89 17.41
CA ASN A 162 5.72 0.96 15.96
C ASN A 162 7.04 0.97 15.20
N GLY A 163 8.16 1.10 15.92
CA GLY A 163 9.47 1.32 15.26
C GLY A 163 9.56 2.75 14.75
N ASP A 164 10.68 3.10 14.14
CA ASP A 164 10.89 4.47 13.66
C ASP A 164 10.05 4.80 12.41
N SER A 165 9.51 6.03 12.38
CA SER A 165 8.81 6.58 11.21
C SER A 165 9.49 6.26 9.90
N ARG A 166 10.81 6.36 9.87
CA ARG A 166 11.54 6.16 8.63
C ARG A 166 11.44 4.73 8.07
N TYR A 167 11.12 3.74 8.91
CA TYR A 167 10.94 2.34 8.47
C TYR A 167 9.74 2.18 7.51
N PHE A 168 8.59 2.75 7.86
CA PHE A 168 7.45 2.65 6.94
C PHE A 168 7.62 3.52 5.68
N LEU A 169 8.46 4.55 5.75
CA LEU A 169 8.68 5.42 4.59
C LEU A 169 9.41 4.75 3.43
N TRP A 170 10.16 3.68 3.74
CA TRP A 170 11.01 3.05 2.74
C TRP A 170 10.25 2.65 1.45
N PRO A 171 9.12 1.91 1.58
CA PRO A 171 8.45 1.54 0.33
C PRO A 171 7.98 2.74 -0.50
N LEU A 172 7.61 3.82 0.17
CA LEU A 172 7.08 5.02 -0.52
C LEU A 172 8.18 5.96 -1.05
N GLN A 173 9.09 6.37 -0.19
CA GLN A 173 10.18 7.26 -0.57
C GLN A 173 11.15 6.58 -1.56
N HIS A 174 11.71 5.44 -1.16
CA HIS A 174 12.72 4.77 -1.99
C HIS A 174 12.12 3.86 -3.06
N GLY A 175 11.25 2.93 -2.66
CA GLY A 175 10.67 1.95 -3.58
C GLY A 175 9.81 2.54 -4.69
N THR A 176 9.18 3.70 -4.42
CA THR A 176 8.31 4.32 -5.42
C THR A 176 8.91 5.64 -5.95
N LEU A 177 9.07 6.62 -5.07
CA LEU A 177 9.46 7.97 -5.49
C LEU A 177 10.90 8.05 -6.01
N HIS A 178 11.87 7.54 -5.26
CA HIS A 178 13.25 7.50 -5.76
C HIS A 178 13.32 6.69 -7.04
N PHE A 179 12.64 5.54 -7.06
CA PHE A 179 12.74 4.61 -8.18
C PHE A 179 12.32 5.27 -9.49
N CYS A 180 11.42 6.26 -9.38
CA CYS A 180 10.89 6.95 -10.54
C CYS A 180 11.77 8.15 -10.91
N GLY A 181 12.76 8.44 -10.07
CA GLY A 181 13.63 9.58 -10.32
C GLY A 181 13.40 10.83 -9.48
N PHE A 182 12.41 10.83 -8.58
CA PHE A 182 12.18 11.99 -7.73
C PHE A 182 13.32 12.20 -6.75
N LYS A 183 13.61 13.47 -6.49
CA LYS A 183 14.35 13.90 -5.34
C LYS A 183 13.27 14.07 -4.30
N VAL A 184 13.56 13.59 -3.10
CA VAL A 184 12.56 13.42 -2.10
C VAL A 184 12.90 14.38 -0.98
N LEU A 185 11.96 15.27 -0.67
CA LEU A 185 12.12 16.16 0.46
C LEU A 185 11.68 15.45 1.74
N ALA A 186 12.21 15.92 2.87
CA ALA A 186 11.91 15.33 4.16
C ALA A 186 10.40 15.30 4.44
N PRO A 187 9.90 14.15 4.94
CA PRO A 187 8.48 14.01 5.16
C PRO A 187 7.97 15.08 6.10
N GLN A 188 6.71 15.44 5.97
CA GLN A 188 6.05 16.20 6.99
C GLN A 188 5.18 15.19 7.73
N ILE A 189 5.46 14.91 9.00
CA ILE A 189 4.58 14.01 9.76
C ILE A 189 3.84 14.72 10.86
N SER A 190 2.53 14.80 10.77
CA SER A 190 1.76 15.44 11.81
C SER A 190 1.22 14.38 12.75
N PHE A 191 1.99 14.07 13.80
CA PHE A 191 1.63 12.99 14.74
C PHE A 191 0.34 13.19 15.48
N ALA A 192 -0.57 12.25 15.28
CA ALA A 192 -1.73 12.01 16.16
C ALA A 192 -2.63 13.21 16.45
N PRO A 193 -3.16 13.87 15.40
CA PRO A 193 -4.05 15.02 15.58
C PRO A 193 -5.36 14.79 16.34
N GLU A 194 -5.89 13.57 16.35
CA GLU A 194 -7.19 13.32 16.98
C GLU A 194 -7.12 13.42 18.50
N ILE A 195 -5.94 13.27 19.07
CA ILE A 195 -5.74 13.28 20.52
C ILE A 195 -4.85 14.45 21.02
N ALA A 196 -4.32 15.24 20.08
CA ALA A 196 -3.67 16.51 20.40
C ALA A 196 -4.74 17.59 20.66
N SER A 197 -4.37 18.62 21.41
CA SER A 197 -5.28 19.74 21.71
C SER A 197 -5.56 20.59 20.46
N GLU A 198 -6.60 21.42 20.55
CA GLU A 198 -6.98 22.28 19.44
C GLU A 198 -5.91 23.34 19.15
N GLU A 199 -4.94 23.47 20.06
CA GLU A 199 -3.83 24.41 19.91
C GLU A 199 -2.53 23.74 19.45
N GLU A 200 -2.31 22.49 19.86
CA GLU A 200 -1.21 21.70 19.29
C GLU A 200 -1.49 21.42 17.82
N ARG A 201 -2.77 21.28 17.50
CA ARG A 201 -3.27 21.11 16.14
C ARG A 201 -3.07 22.36 15.27
N LYS A 202 -3.23 23.54 15.87
CA LYS A 202 -2.94 24.80 15.18
C LYS A 202 -1.46 24.90 14.90
N GLY A 203 -0.65 24.51 15.89
CA GLY A 203 0.79 24.55 15.77
C GLY A 203 1.33 23.60 14.72
N MET A 204 0.63 22.50 14.47
CA MET A 204 1.02 21.56 13.42
C MET A 204 0.65 22.13 12.05
N VAL A 205 -0.53 22.71 11.93
CA VAL A 205 -0.97 23.34 10.70
C VAL A 205 -0.05 24.54 10.36
N ALA A 206 0.23 25.36 11.37
CA ALA A 206 1.10 26.52 11.19
C ALA A 206 2.52 26.13 10.80
N ALA A 207 3.07 25.07 11.42
CA ALA A 207 4.41 24.59 11.06
C ALA A 207 4.50 24.13 9.59
N TRP A 208 3.40 23.56 9.09
CA TRP A 208 3.28 23.16 7.68
C TRP A 208 3.29 24.37 6.74
N SER A 209 2.40 25.33 7.02
CA SER A 209 2.36 26.64 6.38
C SER A 209 3.75 27.29 6.38
N GLN A 210 4.34 27.40 7.58
CA GLN A 210 5.68 27.98 7.75
C GLN A 210 6.72 27.30 6.91
N ARG A 211 6.73 25.97 6.95
CA ARG A 211 7.67 25.20 6.12
C ARG A 211 7.49 25.38 4.60
N LEU A 212 6.24 25.47 4.15
CA LEU A 212 5.98 25.69 2.75
C LEU A 212 6.54 27.03 2.23
N GLN A 213 6.67 28.02 3.10
CA GLN A 213 7.29 29.29 2.73
C GLN A 213 8.68 29.15 2.09
N THR A 214 9.45 28.13 2.50
CA THR A 214 10.85 28.03 2.02
C THR A 214 11.16 26.66 1.42
N ILE A 215 10.09 26.01 0.98
CA ILE A 215 10.13 24.68 0.38
C ILE A 215 11.14 24.59 -0.77
N TRP A 216 11.22 25.66 -1.55
CA TRP A 216 12.08 25.69 -2.74
C TRP A 216 13.56 25.87 -2.41
N LYS A 217 13.86 26.33 -1.20
CA LYS A 217 15.25 26.39 -0.72
C LYS A 217 15.73 25.05 -0.14
N GLU A 218 14.82 24.10 0.04
CA GLU A 218 15.15 22.87 0.78
C GLU A 218 16.08 21.92 0.04
N GLU A 219 16.96 21.27 0.80
CA GLU A 219 17.81 20.21 0.28
C GLU A 219 17.04 18.86 0.34
N PRO A 220 17.03 18.09 -0.77
CA PRO A 220 16.45 16.74 -0.79
C PRO A 220 17.20 15.82 0.17
N ILE A 221 16.50 14.89 0.82
CA ILE A 221 17.15 13.91 1.70
C ILE A 221 18.01 12.96 0.87
N PRO A 222 19.02 12.35 1.49
CA PRO A 222 19.70 11.26 0.78
C PRO A 222 18.82 10.00 0.88
N CYS A 223 18.30 9.54 -0.25
CA CYS A 223 17.28 8.50 -0.17
C CYS A 223 17.96 7.15 -0.22
N THR A 224 18.50 6.75 0.93
CA THR A 224 19.35 5.56 0.98
C THR A 224 18.88 4.67 2.11
N ALA A 225 19.25 3.39 2.03
CA ALA A 225 19.07 2.45 3.15
C ALA A 225 19.52 3.02 4.51
N HIS A 226 20.66 3.72 4.53
CA HIS A 226 21.20 4.28 5.78
C HIS A 226 20.28 5.33 6.43
N TRP A 227 19.78 6.26 5.61
CA TRP A 227 18.86 7.28 6.08
C TRP A 227 17.62 6.68 6.74
N HIS A 228 16.99 5.70 6.07
CA HIS A 228 15.77 5.04 6.59
C HIS A 228 16.05 4.10 7.76
N PHE A 229 17.13 3.34 7.62
CA PHE A 229 17.47 2.29 8.58
C PHE A 229 18.81 2.52 9.27
N GLY B 3 -8.72 -30.78 12.22
CA GLY B 3 -8.42 -30.25 10.85
C GLY B 3 -8.23 -28.74 10.92
N LYS B 4 -7.88 -28.11 9.80
CA LYS B 4 -7.63 -26.67 9.82
C LYS B 4 -8.33 -25.96 8.70
N LYS B 5 -8.67 -24.69 8.94
CA LYS B 5 -9.17 -23.80 7.90
C LYS B 5 -8.11 -22.80 7.41
N VAL B 6 -8.08 -22.60 6.10
CA VAL B 6 -7.15 -21.73 5.44
C VAL B 6 -7.90 -20.79 4.47
N LEU B 7 -7.62 -19.50 4.61
CA LEU B 7 -8.07 -18.50 3.65
C LEU B 7 -6.90 -18.05 2.79
N ILE B 8 -7.05 -18.13 1.49
CA ILE B 8 -6.06 -17.50 0.61
C ILE B 8 -6.66 -16.19 0.04
N VAL B 9 -6.05 -15.05 0.37
CA VAL B 9 -6.49 -13.76 -0.21
C VAL B 9 -5.61 -13.56 -1.45
N TYR B 10 -6.23 -13.60 -2.63
CA TYR B 10 -5.44 -13.67 -3.86
C TYR B 10 -5.63 -12.43 -4.71
N ALA B 11 -4.54 -11.83 -5.19
CA ALA B 11 -4.63 -10.57 -5.96
C ALA B 11 -3.84 -10.59 -7.23
N HIS B 12 -4.36 -11.27 -8.26
CA HIS B 12 -3.80 -11.20 -9.60
C HIS B 12 -4.94 -11.26 -10.60
N GLN B 13 -4.79 -10.49 -11.67
CA GLN B 13 -5.80 -10.40 -12.71
C GLN B 13 -5.88 -11.65 -13.59
N GLU B 14 -4.79 -12.41 -13.67
CA GLU B 14 -4.67 -13.42 -14.73
C GLU B 14 -4.54 -14.83 -14.15
N PRO B 15 -5.56 -15.69 -14.35
CA PRO B 15 -5.50 -17.08 -13.86
C PRO B 15 -4.26 -17.88 -14.32
N LYS B 16 -3.73 -17.61 -15.52
CA LYS B 16 -2.59 -18.36 -16.10
C LYS B 16 -1.25 -17.78 -15.67
N SER B 17 -1.28 -16.82 -14.73
CA SER B 17 -0.06 -16.19 -14.26
C SER B 17 0.66 -17.07 -13.29
N PHE B 18 1.91 -16.72 -13.04
CA PHE B 18 2.70 -17.32 -12.01
C PHE B 18 2.05 -17.21 -10.63
N ASN B 19 1.46 -16.06 -10.32
CA ASN B 19 0.65 -15.92 -9.09
C ASN B 19 -0.52 -16.90 -9.05
N GLY B 20 -1.18 -17.06 -10.18
CA GLY B 20 -2.31 -17.99 -10.29
C GLY B 20 -1.88 -19.43 -10.06
N SER B 21 -0.75 -19.83 -10.67
CA SER B 21 -0.13 -21.15 -10.41
C SER B 21 0.20 -21.40 -8.94
N LEU B 22 0.77 -20.40 -8.27
CA LEU B 22 1.17 -20.55 -6.87
C LEU B 22 -0.08 -20.68 -6.00
N LYS B 23 -1.14 -19.95 -6.35
CA LYS B 23 -2.40 -20.05 -5.66
C LYS B 23 -3.01 -21.46 -5.89
N ASN B 24 -2.94 -21.96 -7.12
CA ASN B 24 -3.50 -23.28 -7.41
C ASN B 24 -2.76 -24.40 -6.74
N VAL B 25 -1.44 -24.30 -6.61
CA VAL B 25 -0.72 -25.34 -5.89
C VAL B 25 -1.05 -25.28 -4.40
N ALA B 26 -1.20 -24.08 -3.86
CA ALA B 26 -1.60 -23.94 -2.47
C ALA B 26 -2.92 -24.65 -2.23
N VAL B 27 -3.92 -24.34 -3.06
CA VAL B 27 -5.25 -24.93 -2.90
C VAL B 27 -5.10 -26.46 -3.01
N ASP B 28 -4.45 -26.94 -4.06
CA ASP B 28 -4.27 -28.39 -4.25
C ASP B 28 -3.58 -29.07 -3.07
N GLU B 29 -2.48 -28.49 -2.60
CA GLU B 29 -1.69 -29.09 -1.51
C GLU B 29 -2.44 -29.05 -0.15
N LEU B 30 -3.06 -27.94 0.18
CA LEU B 30 -3.82 -27.89 1.41
C LEU B 30 -5.10 -28.75 1.32
N SER B 31 -5.72 -28.78 0.14
CA SER B 31 -6.87 -29.66 -0.11
C SER B 31 -6.49 -31.16 0.03
N ARG B 32 -5.37 -31.55 -0.60
CA ARG B 32 -4.81 -32.91 -0.47
C ARG B 32 -4.63 -33.29 0.99
N GLN B 33 -4.14 -32.34 1.80
CA GLN B 33 -3.94 -32.59 3.24
C GLN B 33 -5.24 -32.76 4.00
N GLY B 34 -6.39 -32.44 3.39
CA GLY B 34 -7.65 -32.53 4.11
C GLY B 34 -8.04 -31.24 4.84
N CYS B 35 -7.24 -30.17 4.64
CA CYS B 35 -7.60 -28.83 5.13
C CYS B 35 -8.82 -28.29 4.38
N THR B 36 -9.57 -27.44 5.06
CA THR B 36 -10.64 -26.65 4.49
C THR B 36 -10.04 -25.37 3.90
N VAL B 37 -10.37 -25.09 2.65
CA VAL B 37 -9.72 -24.01 1.90
C VAL B 37 -10.80 -23.11 1.28
N THR B 38 -10.52 -21.81 1.33
CA THR B 38 -11.33 -20.72 0.77
C THR B 38 -10.36 -19.75 0.09
N VAL B 39 -10.74 -19.27 -1.09
CA VAL B 39 -9.96 -18.28 -1.82
C VAL B 39 -10.86 -17.05 -2.01
N SER B 40 -10.31 -15.89 -1.62
CA SER B 40 -10.89 -14.59 -1.97
C SER B 40 -10.09 -14.06 -3.14
N ASP B 41 -10.67 -14.14 -4.34
CA ASP B 41 -9.96 -13.78 -5.56
C ASP B 41 -10.38 -12.34 -5.88
N LEU B 42 -9.56 -11.41 -5.42
CA LEU B 42 -10.04 -10.05 -5.30
C LEU B 42 -10.50 -9.45 -6.63
N TYR B 43 -9.75 -9.65 -7.72
CA TYR B 43 -10.12 -9.07 -9.02
C TYR B 43 -11.40 -9.69 -9.63
N ALA B 44 -11.55 -11.03 -9.53
CA ALA B 44 -12.79 -11.71 -9.94
C ALA B 44 -13.99 -11.28 -9.10
N MET B 45 -13.81 -10.95 -7.82
CA MET B 45 -14.90 -10.41 -7.02
C MET B 45 -15.13 -8.89 -7.31
N ASN B 46 -14.29 -8.30 -8.15
CA ASN B 46 -14.26 -6.83 -8.30
C ASN B 46 -14.32 -6.14 -6.93
N PHE B 47 -13.52 -6.64 -5.99
CA PHE B 47 -13.51 -6.16 -4.65
C PHE B 47 -13.27 -4.64 -4.57
N GLU B 48 -14.07 -3.96 -3.76
CA GLU B 48 -14.01 -2.50 -3.61
C GLU B 48 -12.81 -2.09 -2.72
N PRO B 49 -11.84 -1.34 -3.26
CA PRO B 49 -10.69 -0.99 -2.37
C PRO B 49 -10.89 0.31 -1.56
N ARG B 50 -11.76 1.20 -2.02
CA ARG B 50 -11.86 2.52 -1.41
C ARG B 50 -12.61 2.49 -0.09
N ALA B 51 -12.02 3.16 0.89
CA ALA B 51 -12.62 3.33 2.19
C ALA B 51 -13.53 4.55 2.11
N THR B 52 -14.83 4.32 1.92
CA THR B 52 -15.82 5.41 1.83
C THR B 52 -16.98 5.26 2.82
N ASP B 53 -17.82 6.30 2.87
CA ASP B 53 -19.03 6.28 3.69
C ASP B 53 -20.08 5.30 3.18
N LYS B 54 -19.89 4.70 2.01
CA LYS B 54 -20.72 3.59 1.55
C LYS B 54 -20.49 2.29 2.38
N ASP B 55 -19.41 2.25 3.16
CA ASP B 55 -19.09 1.06 3.95
C ASP B 55 -19.94 0.94 5.20
N ILE B 56 -20.66 2.00 5.55
CA ILE B 56 -21.55 2.00 6.70
C ILE B 56 -22.98 2.14 6.17
N THR B 57 -23.91 1.33 6.67
CA THR B 57 -25.31 1.39 6.21
C THR B 57 -26.22 2.06 7.23
N GLY B 58 -25.72 2.25 8.45
CA GLY B 58 -26.56 2.82 9.52
C GLY B 58 -26.52 4.35 9.57
N THR B 59 -27.07 4.91 10.64
CA THR B 59 -26.95 6.34 10.91
C THR B 59 -25.51 6.54 11.33
N LEU B 60 -24.90 7.61 10.83
CA LEU B 60 -23.52 7.94 11.21
C LEU B 60 -23.49 8.49 12.61
N SER B 61 -22.47 8.11 13.36
CA SER B 61 -22.29 8.63 14.70
C SER B 61 -22.10 10.16 14.71
N ASN B 62 -21.39 10.67 13.70
CA ASN B 62 -21.17 12.10 13.53
C ASN B 62 -21.24 12.44 12.04
N PRO B 63 -22.46 12.72 11.54
CA PRO B 63 -22.68 12.96 10.11
C PRO B 63 -22.15 14.33 9.63
N GLU B 64 -21.84 15.23 10.56
CA GLU B 64 -21.29 16.56 10.25
C GLU B 64 -19.82 16.45 9.74
N VAL B 65 -19.02 15.62 10.40
CA VAL B 65 -17.64 15.38 10.00
C VAL B 65 -17.38 13.86 9.93
N PHE B 66 -17.11 13.35 8.74
CA PHE B 66 -16.94 11.93 8.53
C PHE B 66 -15.51 11.47 8.78
N ASN B 67 -15.36 10.59 9.76
CA ASN B 67 -14.09 9.97 10.11
C ASN B 67 -14.25 8.47 9.85
N TYR B 68 -13.51 7.93 8.88
CA TYR B 68 -13.66 6.52 8.49
C TYR B 68 -13.40 5.52 9.66
N GLY B 69 -12.29 5.69 10.40
CA GLY B 69 -11.99 4.84 11.57
C GLY B 69 -13.07 4.83 12.66
N VAL B 70 -13.59 6.01 13.00
CA VAL B 70 -14.63 6.15 14.03
C VAL B 70 -15.92 5.50 13.53
N GLU B 71 -16.32 5.82 12.32
CA GLU B 71 -17.59 5.33 11.76
C GLU B 71 -17.60 3.80 11.52
N THR B 72 -16.48 3.23 11.05
CA THR B 72 -16.45 1.78 10.84
C THR B 72 -16.36 0.97 12.15
N HIS B 73 -15.70 1.52 13.18
CA HIS B 73 -15.67 0.92 14.52
C HIS B 73 -17.10 0.85 15.11
N GLU B 74 -17.81 1.97 15.05
CA GLU B 74 -19.21 2.03 15.46
C GLU B 74 -20.08 1.05 14.70
N ALA B 75 -19.94 1.04 13.38
CA ALA B 75 -20.73 0.18 12.51
C ALA B 75 -20.47 -1.29 12.73
N TYR B 76 -19.21 -1.65 12.97
CA TYR B 76 -18.86 -3.02 13.31
C TYR B 76 -19.65 -3.50 14.54
N LYS B 77 -19.62 -2.71 15.62
CA LYS B 77 -20.33 -3.04 16.87
C LYS B 77 -21.85 -3.07 16.69
N GLN B 78 -22.38 -2.16 15.88
CA GLN B 78 -23.81 -2.05 15.57
C GLN B 78 -24.32 -3.03 14.49
N ARG B 79 -23.40 -3.68 13.80
CA ARG B 79 -23.67 -4.57 12.66
C ARG B 79 -24.32 -3.81 11.50
N SER B 80 -23.76 -2.63 11.22
CA SER B 80 -24.19 -1.89 10.06
C SER B 80 -23.11 -1.68 8.98
N LEU B 81 -22.08 -2.53 8.94
CA LEU B 81 -21.06 -2.43 7.86
C LEU B 81 -21.61 -3.02 6.59
N ALA B 82 -21.09 -2.57 5.43
CA ALA B 82 -21.47 -3.18 4.15
C ALA B 82 -21.18 -4.69 4.20
N SER B 83 -21.98 -5.46 3.45
CA SER B 83 -21.91 -6.90 3.55
C SER B 83 -20.64 -7.50 2.88
N ASP B 84 -20.00 -6.79 1.95
CA ASP B 84 -18.74 -7.31 1.37
C ASP B 84 -17.63 -7.37 2.43
N ILE B 85 -17.64 -6.39 3.34
CA ILE B 85 -16.68 -6.37 4.44
C ILE B 85 -17.00 -7.54 5.43
N THR B 86 -18.25 -7.68 5.84
CA THR B 86 -18.57 -8.71 6.84
C THR B 86 -18.41 -10.13 6.23
N ASP B 87 -18.66 -10.29 4.93
CA ASP B 87 -18.32 -11.56 4.25
C ASP B 87 -16.83 -11.94 4.41
N GLU B 88 -15.94 -10.97 4.27
CA GLU B 88 -14.50 -11.23 4.42
C GLU B 88 -14.12 -11.49 5.88
N GLN B 89 -14.74 -10.74 6.79
CA GLN B 89 -14.46 -10.89 8.22
C GLN B 89 -14.84 -12.29 8.71
N LYS B 90 -15.97 -12.80 8.23
CA LYS B 90 -16.39 -14.16 8.54
C LYS B 90 -15.35 -15.19 8.11
N LYS B 91 -14.80 -15.05 6.90
CA LYS B 91 -13.68 -15.92 6.42
C LYS B 91 -12.43 -15.83 7.31
N VAL B 92 -12.06 -14.60 7.67
CA VAL B 92 -10.91 -14.40 8.55
C VAL B 92 -11.17 -14.97 9.94
N ARG B 93 -12.37 -14.73 10.46
CA ARG B 93 -12.71 -15.16 11.83
C ARG B 93 -12.53 -16.67 11.97
N GLU B 94 -12.98 -17.41 10.96
CA GLU B 94 -12.93 -18.87 10.95
C GLU B 94 -11.57 -19.47 10.54
N ALA B 95 -10.70 -18.68 9.88
CA ALA B 95 -9.42 -19.22 9.40
C ALA B 95 -8.39 -19.49 10.51
N ASP B 96 -7.62 -20.55 10.34
CA ASP B 96 -6.47 -20.78 11.23
C ASP B 96 -5.25 -20.18 10.58
N LEU B 97 -5.20 -20.18 9.26
CA LEU B 97 -4.08 -19.64 8.51
C LEU B 97 -4.60 -18.75 7.37
N VAL B 98 -4.00 -17.56 7.23
CA VAL B 98 -4.35 -16.68 6.12
C VAL B 98 -3.10 -16.51 5.30
N ILE B 99 -3.20 -16.90 4.03
CA ILE B 99 -2.15 -16.68 3.04
C ILE B 99 -2.53 -15.54 2.11
N PHE B 100 -1.60 -14.61 1.85
CA PHE B 100 -1.78 -13.54 0.86
C PHE B 100 -0.90 -13.89 -0.33
N GLN B 101 -1.50 -14.01 -1.51
CA GLN B 101 -0.75 -14.33 -2.68
C GLN B 101 -0.87 -13.16 -3.64
N PHE B 102 0.26 -12.49 -3.93
CA PHE B 102 0.22 -11.25 -4.72
C PHE B 102 1.57 -10.92 -5.39
N PRO B 103 1.53 -10.26 -6.57
CA PRO B 103 2.78 -9.65 -7.07
C PRO B 103 3.12 -8.41 -6.26
N LEU B 104 4.40 -8.17 -6.02
CA LEU B 104 4.84 -6.97 -5.39
C LEU B 104 4.51 -5.78 -6.29
N TYR B 105 3.82 -4.77 -5.75
CA TYR B 105 3.57 -3.52 -6.47
C TYR B 105 4.10 -2.34 -5.66
N TRP B 106 5.14 -1.69 -6.17
CA TRP B 106 5.70 -0.55 -5.48
C TRP B 106 6.09 -0.92 -4.05
N PHE B 107 6.78 -2.06 -3.93
CA PHE B 107 7.35 -2.51 -2.65
C PHE B 107 6.25 -2.86 -1.65
N SER B 108 5.08 -3.28 -2.13
CA SER B 108 3.89 -3.42 -1.29
C SER B 108 2.86 -4.26 -2.02
N VAL B 109 1.64 -4.30 -1.49
CA VAL B 109 0.55 -5.06 -2.10
C VAL B 109 -0.11 -4.25 -3.24
N PRO B 110 -0.65 -4.92 -4.27
CA PRO B 110 -1.47 -4.13 -5.19
C PRO B 110 -2.60 -3.42 -4.45
N ALA B 111 -3.10 -2.32 -5.02
CA ALA B 111 -4.12 -1.49 -4.32
C ALA B 111 -5.38 -2.26 -3.93
N ILE B 112 -5.80 -3.19 -4.76
CA ILE B 112 -7.03 -3.94 -4.42
C ILE B 112 -6.85 -4.75 -3.12
N LEU B 113 -5.67 -5.32 -2.95
CA LEU B 113 -5.33 -5.98 -1.68
C LEU B 113 -5.11 -4.93 -0.56
N LYS B 114 -4.51 -3.78 -0.86
CA LYS B 114 -4.44 -2.73 0.18
C LYS B 114 -5.82 -2.36 0.71
N GLY B 115 -6.82 -2.30 -0.18
CA GLY B 115 -8.20 -1.97 0.19
C GLY B 115 -8.84 -3.03 1.05
N TRP B 116 -8.54 -4.28 0.75
CA TRP B 116 -8.96 -5.39 1.61
C TRP B 116 -8.42 -5.16 3.04
N MET B 117 -7.14 -4.84 3.19
CA MET B 117 -6.61 -4.58 4.53
C MET B 117 -7.30 -3.37 5.19
N ASP B 118 -7.44 -2.27 4.44
CA ASP B 118 -8.05 -1.05 4.99
C ASP B 118 -9.49 -1.26 5.47
N ARG B 119 -10.29 -1.98 4.70
CA ARG B 119 -11.71 -2.12 4.94
C ARG B 119 -12.10 -3.34 5.80
N VAL B 120 -11.36 -4.43 5.67
CA VAL B 120 -11.71 -5.66 6.37
C VAL B 120 -11.21 -5.70 7.81
N LEU B 121 -10.00 -5.17 8.03
CA LEU B 121 -9.36 -5.24 9.34
C LEU B 121 -9.68 -4.02 10.17
N CYS B 122 -10.96 -3.82 10.50
CA CYS B 122 -11.38 -2.61 11.20
C CYS B 122 -11.28 -2.76 12.72
N GLN B 123 -11.35 -1.61 13.39
CA GLN B 123 -11.29 -1.59 14.83
C GLN B 123 -12.53 -2.26 15.39
N GLY B 124 -12.36 -3.05 16.44
CA GLY B 124 -13.50 -3.84 16.91
C GLY B 124 -13.41 -5.26 16.42
N PHE B 125 -12.97 -5.43 15.19
CA PHE B 125 -12.76 -6.77 14.62
C PHE B 125 -11.32 -7.32 14.74
N ALA B 126 -10.32 -6.54 14.32
CA ALA B 126 -8.95 -7.05 14.20
C ALA B 126 -8.05 -6.61 15.34
N PHE B 127 -8.44 -5.51 15.96
CA PHE B 127 -7.69 -4.91 17.05
C PHE B 127 -8.63 -3.99 17.79
N ASP B 128 -8.25 -3.64 18.99
CA ASP B 128 -8.81 -2.50 19.68
C ASP B 128 -7.72 -1.64 20.30
N ILE B 129 -8.12 -0.47 20.81
CA ILE B 129 -7.19 0.38 21.53
C ILE B 129 -7.71 0.45 22.96
N PRO B 130 -7.11 -0.34 23.88
CA PRO B 130 -5.95 -1.24 23.70
C PRO B 130 -6.35 -2.65 23.24
N GLY B 131 -5.36 -3.44 22.82
CA GLY B 131 -5.64 -4.72 22.18
C GLY B 131 -5.05 -4.80 20.77
N PHE B 132 -3.74 -4.59 20.69
CA PHE B 132 -3.00 -4.66 19.44
C PHE B 132 -1.61 -5.27 19.65
N TYR B 133 -0.86 -5.46 18.56
CA TYR B 133 0.36 -6.29 18.54
C TYR B 133 0.05 -7.63 19.26
N ASP B 134 0.78 -7.98 20.31
CA ASP B 134 0.59 -9.32 20.93
C ASP B 134 -0.81 -9.49 21.56
N SER B 135 -1.50 -8.38 21.83
CA SER B 135 -2.89 -8.47 22.31
C SER B 135 -3.92 -8.22 21.21
N GLY B 136 -3.49 -8.18 19.95
CA GLY B 136 -4.43 -7.99 18.84
C GLY B 136 -5.54 -9.01 18.89
N LEU B 137 -6.69 -8.68 18.30
CA LEU B 137 -7.87 -9.56 18.38
C LEU B 137 -7.77 -10.81 17.52
N LEU B 138 -6.86 -10.82 16.54
CA LEU B 138 -6.72 -12.01 15.70
C LEU B 138 -5.65 -12.96 16.23
N GLN B 139 -5.32 -12.83 17.51
CA GLN B 139 -4.31 -13.72 18.15
C GLN B 139 -4.61 -15.22 18.01
N GLY B 140 -3.55 -15.98 17.76
CA GLY B 140 -3.69 -17.42 17.54
C GLY B 140 -3.72 -17.79 16.07
N LYS B 141 -4.01 -16.81 15.21
CA LYS B 141 -4.05 -17.11 13.80
C LYS B 141 -2.67 -16.96 13.23
N LEU B 142 -2.39 -17.73 12.18
CA LEU B 142 -1.18 -17.60 11.41
C LEU B 142 -1.40 -16.79 10.11
N ALA B 143 -0.39 -16.08 9.67
CA ALA B 143 -0.46 -15.40 8.40
C ALA B 143 0.83 -15.59 7.68
N LEU B 144 0.77 -15.57 6.35
CA LEU B 144 1.92 -15.80 5.51
C LEU B 144 1.83 -14.98 4.25
N LEU B 145 2.88 -14.22 3.92
CA LEU B 145 2.91 -13.49 2.66
C LEU B 145 3.62 -14.31 1.61
N SER B 146 2.95 -14.55 0.49
CA SER B 146 3.58 -15.21 -0.63
C SER B 146 3.62 -14.22 -1.80
N VAL B 147 4.82 -13.71 -2.08
CA VAL B 147 5.04 -12.55 -2.90
C VAL B 147 5.88 -12.93 -4.09
N THR B 148 5.50 -12.46 -5.27
CA THR B 148 6.36 -12.57 -6.45
C THR B 148 6.94 -11.19 -6.80
N THR B 149 8.16 -11.14 -7.35
CA THR B 149 8.79 -9.88 -7.70
C THR B 149 9.20 -9.81 -9.17
N GLY B 150 9.31 -8.58 -9.71
CA GLY B 150 10.07 -8.32 -10.94
C GLY B 150 11.59 -8.33 -10.71
N GLY B 151 12.02 -7.79 -9.56
CA GLY B 151 13.44 -7.78 -9.17
C GLY B 151 14.03 -9.16 -8.81
N THR B 152 15.32 -9.35 -9.14
CA THR B 152 15.99 -10.61 -8.80
C THR B 152 16.40 -10.61 -7.34
N ALA B 153 16.75 -11.79 -6.81
CA ALA B 153 17.23 -11.92 -5.43
C ALA B 153 18.49 -11.07 -5.20
N GLU B 154 19.36 -11.09 -6.21
CA GLU B 154 20.56 -10.27 -6.31
C GLU B 154 20.23 -8.78 -6.01
N MET B 155 19.26 -8.20 -6.72
CA MET B 155 18.85 -6.79 -6.49
C MET B 155 18.24 -6.54 -5.11
N TYR B 156 17.61 -7.56 -4.53
CA TYR B 156 17.01 -7.44 -3.19
C TYR B 156 17.93 -7.86 -2.06
N THR B 157 19.14 -7.28 -2.04
CA THR B 157 20.13 -7.57 -1.00
C THR B 157 20.57 -6.30 -0.28
N LYS B 158 21.12 -6.44 0.92
CA LYS B 158 21.54 -5.29 1.69
C LYS B 158 22.24 -4.24 0.81
N THR B 159 23.10 -4.72 -0.10
CA THR B 159 23.87 -3.82 -0.96
C THR B 159 23.48 -3.87 -2.45
N GLY B 160 22.25 -4.31 -2.73
CA GLY B 160 21.66 -4.26 -4.08
C GLY B 160 20.90 -2.96 -4.25
N VAL B 161 20.38 -2.69 -5.45
CA VAL B 161 19.65 -1.43 -5.76
C VAL B 161 18.39 -1.28 -4.88
N ASN B 162 17.68 -2.40 -4.72
CA ASN B 162 16.44 -2.43 -3.97
C ASN B 162 16.58 -2.56 -2.45
N GLY B 163 17.79 -2.81 -1.97
CA GLY B 163 18.01 -3.14 -0.56
C GLY B 163 17.46 -4.53 -0.23
N ASP B 164 17.63 -4.97 1.02
CA ASP B 164 17.13 -6.28 1.40
C ASP B 164 15.60 -6.38 1.27
N SER B 165 15.13 -7.54 0.80
CA SER B 165 13.69 -7.78 0.69
C SER B 165 12.92 -7.64 2.00
N ARG B 166 13.55 -7.97 3.13
CA ARG B 166 12.88 -7.82 4.43
C ARG B 166 12.47 -6.37 4.73
N TYR B 167 13.16 -5.41 4.12
CA TYR B 167 12.89 -3.99 4.41
C TYR B 167 11.45 -3.64 4.02
N PHE B 168 11.00 -4.14 2.86
CA PHE B 168 9.65 -3.84 2.35
C PHE B 168 8.53 -4.63 3.06
N LEU B 169 8.92 -5.68 3.78
CA LEU B 169 7.93 -6.50 4.50
C LEU B 169 7.41 -5.88 5.78
N TRP B 170 8.18 -4.96 6.36
CA TRP B 170 7.84 -4.31 7.61
C TRP B 170 6.40 -3.78 7.77
N PRO B 171 5.93 -2.92 6.84
CA PRO B 171 4.57 -2.39 6.96
C PRO B 171 3.47 -3.45 6.93
N LEU B 172 3.71 -4.53 6.21
CA LEU B 172 2.72 -5.61 6.11
C LEU B 172 2.86 -6.59 7.28
N GLN B 173 4.06 -7.13 7.49
CA GLN B 173 4.25 -8.11 8.57
C GLN B 173 4.00 -7.50 9.95
N HIS B 174 4.67 -6.38 10.23
CA HIS B 174 4.63 -5.83 11.58
C HIS B 174 3.51 -4.81 11.69
N GLY B 175 3.48 -3.87 10.74
CA GLY B 175 2.49 -2.79 10.82
C GLY B 175 1.04 -3.29 10.75
N THR B 176 0.81 -4.34 9.98
CA THR B 176 -0.56 -4.83 9.80
C THR B 176 -0.84 -6.17 10.50
N LEU B 177 -0.13 -7.21 10.11
CA LEU B 177 -0.46 -8.56 10.61
C LEU B 177 -0.16 -8.72 12.11
N HIS B 178 1.07 -8.40 12.52
CA HIS B 178 1.47 -8.47 13.92
C HIS B 178 0.58 -7.54 14.76
N PHE B 179 0.26 -6.36 14.22
CA PHE B 179 -0.56 -5.38 14.94
C PHE B 179 -1.94 -5.96 15.26
N CYS B 180 -2.49 -6.72 14.31
CA CYS B 180 -3.77 -7.40 14.51
C CYS B 180 -3.68 -8.69 15.35
N GLY B 181 -2.46 -9.09 15.71
CA GLY B 181 -2.23 -10.27 16.55
C GLY B 181 -1.86 -11.55 15.83
N PHE B 182 -1.63 -11.51 14.53
CA PHE B 182 -1.26 -12.72 13.82
C PHE B 182 0.15 -13.13 14.25
N LYS B 183 0.36 -14.44 14.34
CA LYS B 183 1.71 -14.98 14.28
C LYS B 183 2.04 -15.03 12.80
N VAL B 184 3.18 -14.43 12.44
CA VAL B 184 3.64 -14.33 11.08
C VAL B 184 4.63 -15.47 10.77
N LEU B 185 4.29 -16.31 9.79
CA LEU B 185 5.25 -17.26 9.24
C LEU B 185 6.23 -16.56 8.27
N ALA B 186 7.36 -17.19 7.99
CA ALA B 186 8.36 -16.64 7.08
C ALA B 186 7.77 -16.45 5.68
N PRO B 187 8.03 -15.28 5.08
CA PRO B 187 7.48 -14.99 3.77
C PRO B 187 7.97 -16.00 2.75
N GLN B 188 7.14 -16.22 1.72
CA GLN B 188 7.58 -17.00 0.60
C GLN B 188 7.82 -16.00 -0.51
N ILE B 189 9.07 -15.77 -0.86
CA ILE B 189 9.33 -14.84 -1.95
C ILE B 189 9.84 -15.56 -3.14
N SER B 190 9.07 -15.44 -4.21
CA SER B 190 9.43 -15.97 -5.50
C SER B 190 9.99 -14.88 -6.44
N PHE B 191 11.32 -14.78 -6.47
CA PHE B 191 12.01 -13.73 -7.19
C PHE B 191 11.98 -13.86 -8.72
N ALA B 192 11.71 -12.75 -9.37
CA ALA B 192 11.85 -12.58 -10.83
C ALA B 192 11.47 -13.78 -11.69
N PRO B 193 10.20 -14.25 -11.59
CA PRO B 193 9.74 -15.35 -12.46
C PRO B 193 9.78 -15.04 -13.95
N GLU B 194 9.71 -13.76 -14.30
CA GLU B 194 9.74 -13.32 -15.69
C GLU B 194 11.15 -13.46 -16.28
N ILE B 195 12.16 -13.11 -15.49
CA ILE B 195 13.57 -13.35 -15.87
C ILE B 195 13.95 -14.86 -15.84
N ALA B 196 13.42 -15.59 -14.85
CA ALA B 196 13.77 -16.99 -14.64
C ALA B 196 13.44 -17.88 -15.84
N SER B 197 14.22 -18.96 -15.99
CA SER B 197 13.95 -19.98 -17.01
C SER B 197 12.83 -20.94 -16.59
N GLU B 198 12.39 -21.77 -17.54
CA GLU B 198 11.33 -22.76 -17.33
C GLU B 198 11.61 -23.75 -16.20
N GLU B 199 12.87 -24.11 -16.03
CA GLU B 199 13.31 -25.03 -14.97
C GLU B 199 13.32 -24.34 -13.60
N GLU B 200 13.76 -23.07 -13.55
CA GLU B 200 13.81 -22.33 -12.30
C GLU B 200 12.39 -21.95 -11.85
N ARG B 201 11.52 -21.62 -12.81
CA ARG B 201 10.12 -21.32 -12.51
C ARG B 201 9.40 -22.52 -11.91
N LYS B 202 9.58 -23.68 -12.55
CA LYS B 202 9.00 -24.93 -12.09
C LYS B 202 9.51 -25.31 -10.71
N GLY B 203 10.78 -25.05 -10.45
CA GLY B 203 11.35 -25.32 -9.14
C GLY B 203 10.81 -24.35 -8.07
N MET B 204 10.46 -23.14 -8.50
CA MET B 204 9.87 -22.18 -7.60
C MET B 204 8.45 -22.58 -7.19
N VAL B 205 7.69 -23.17 -8.12
CA VAL B 205 6.34 -23.64 -7.83
C VAL B 205 6.40 -24.87 -6.92
N ALA B 206 7.34 -25.77 -7.17
CA ALA B 206 7.51 -26.99 -6.39
C ALA B 206 8.09 -26.71 -5.01
N ALA B 207 9.00 -25.75 -4.90
CA ALA B 207 9.49 -25.34 -3.57
C ALA B 207 8.35 -24.82 -2.64
N TRP B 208 7.36 -24.15 -3.22
CA TRP B 208 6.18 -23.69 -2.48
C TRP B 208 5.28 -24.86 -2.14
N SER B 209 4.99 -25.67 -3.17
CA SER B 209 4.24 -26.90 -2.95
C SER B 209 4.86 -27.70 -1.81
N GLN B 210 6.18 -27.82 -1.82
CA GLN B 210 6.95 -28.62 -0.86
C GLN B 210 6.88 -28.02 0.55
N ARG B 211 7.07 -26.71 0.66
CA ARG B 211 6.98 -26.04 1.95
C ARG B 211 5.62 -26.22 2.61
N LEU B 212 4.56 -26.15 1.80
CA LEU B 212 3.18 -26.29 2.32
C LEU B 212 2.92 -27.65 3.00
N GLN B 213 3.63 -28.69 2.58
CA GLN B 213 3.50 -30.02 3.19
C GLN B 213 3.81 -30.01 4.68
N THR B 214 4.70 -29.14 5.11
CA THR B 214 5.15 -29.13 6.50
C THR B 214 4.82 -27.79 7.20
N ILE B 215 3.84 -27.05 6.63
CA ILE B 215 3.51 -25.69 7.08
C ILE B 215 3.00 -25.62 8.50
N TRP B 216 2.31 -26.66 8.95
CA TRP B 216 1.69 -26.64 10.29
C TRP B 216 2.71 -26.90 11.41
N LYS B 217 3.90 -27.34 11.01
CA LYS B 217 5.05 -27.60 11.93
C LYS B 217 5.99 -26.39 12.10
N GLU B 218 5.90 -25.41 11.21
CA GLU B 218 6.74 -24.20 11.29
C GLU B 218 6.45 -23.31 12.50
N GLU B 219 7.47 -22.62 13.00
CA GLU B 219 7.30 -21.62 14.04
C GLU B 219 7.16 -20.25 13.37
N PRO B 220 6.55 -19.27 14.06
CA PRO B 220 6.52 -17.91 13.53
C PRO B 220 7.91 -17.23 13.54
N ILE B 221 8.09 -16.21 12.71
CA ILE B 221 9.30 -15.39 12.80
C ILE B 221 9.21 -14.50 14.04
N PRO B 222 10.37 -14.06 14.58
CA PRO B 222 10.30 -12.95 15.52
C PRO B 222 10.07 -11.68 14.69
N CYS B 223 8.87 -11.11 14.75
CA CYS B 223 8.48 -10.01 13.88
C CYS B 223 8.90 -8.70 14.57
N THR B 224 10.20 -8.42 14.52
CA THR B 224 10.80 -7.33 15.28
C THR B 224 11.58 -6.50 14.29
N ALA B 225 11.85 -5.25 14.64
CA ALA B 225 12.78 -4.42 13.87
C ALA B 225 14.09 -5.16 13.56
N HIS B 226 14.61 -5.91 14.53
CA HIS B 226 15.91 -6.56 14.32
C HIS B 226 15.85 -7.60 13.18
N TRP B 227 14.81 -8.43 13.16
CA TRP B 227 14.62 -9.39 12.07
C TRP B 227 14.56 -8.71 10.71
N HIS B 228 13.82 -7.61 10.65
CA HIS B 228 13.63 -6.93 9.38
C HIS B 228 14.89 -6.16 8.98
N PHE B 229 15.54 -5.51 9.94
CA PHE B 229 16.58 -4.51 9.63
C PHE B 229 18.01 -4.82 10.11
N GLY B 230 18.13 -5.73 11.07
CA GLY B 230 19.43 -6.11 11.60
C GLY B 230 19.77 -5.26 12.82
ZN ZN C . 16.06 6.00 -2.31
C1 MZC D . 8.94 -2.99 -11.80
N1 MZC D . 10.27 -1.57 -8.78
C2 MZC D . 9.69 -2.69 -10.68
N2 MZC D . 12.24 -5.57 -12.89
O2 MZC D . 8.05 -4.51 -13.69
C3 MZC D . 9.35 -1.57 -9.79
N3 MZC D . 7.06 -2.49 -13.20
O3 MZC D . 6.17 -3.96 -14.89
C4 MZC D . 8.22 -0.83 -10.12
C5 MZC D . 7.47 -1.15 -11.25
C6 MZC D . 7.82 -2.22 -12.10
C7 MZC D . 10.89 -3.31 -10.12
C8 MZC D . 11.20 -2.57 -8.97
C10 MZC D . 11.62 -4.51 -10.71
C11 MZC D . 11.54 -4.48 -12.24
C13 MZC D . 13.57 -5.63 -12.94
C14 MZC D . 14.14 -6.62 -13.90
C17 MZC D . 7.17 -3.66 -13.87
C18 MZC D . 6.14 -5.26 -15.49
OXT MZC D . 14.27 -4.91 -12.24
PA FAD E . -9.28 14.17 11.85
O1A FAD E . -10.14 14.59 10.72
O2A FAD E . -10.10 13.30 12.79
O5B FAD E . -8.73 15.46 12.63
C5B FAD E . -8.43 15.52 14.01
C4B FAD E . -9.14 16.76 14.56
O4B FAD E . -8.62 17.94 13.97
C3B FAD E . -10.64 16.74 14.24
O3B FAD E . -11.36 16.98 15.41
C2B FAD E . -10.83 17.87 13.24
O2B FAD E . -12.05 18.54 13.34
C1B FAD E . -9.71 18.79 13.65
N9A FAD E . -9.35 19.80 12.62
C8A FAD E . -9.62 19.82 11.28
N7A FAD E . -9.07 20.95 10.77
C5A FAD E . -8.44 21.63 11.77
C6A FAD E . -7.73 22.83 11.83
N6A FAD E . -7.31 23.42 10.73
N1A FAD E . -7.21 23.27 13.04
C2A FAD E . -7.40 22.53 14.19
N3A FAD E . -8.11 21.34 14.12
C4A FAD E . -8.62 20.90 12.94
N1 FAD E . -2.57 5.33 12.37
C2 FAD E . -1.26 4.98 12.54
O2 FAD E . -0.58 5.64 13.28
N3 FAD E . -0.69 3.89 11.89
C4 FAD E . -1.48 3.15 11.05
O4 FAD E . -0.95 2.20 10.48
C4X FAD E . -2.83 3.50 10.86
N5 FAD E . -3.64 2.75 10.02
C5X FAD E . -4.98 3.11 9.85
C6 FAD E . -5.78 2.34 8.98
C7 FAD E . -7.11 2.70 8.78
C7M FAD E . -7.91 1.86 7.84
C8 FAD E . -7.65 3.82 9.44
C8M FAD E . -9.10 4.21 9.27
C9 FAD E . -6.86 4.59 10.33
C9A FAD E . -5.52 4.23 10.52
N10 FAD E . -4.72 4.99 11.35
C10 FAD E . -3.38 4.60 11.53
C1' FAD E . -5.38 6.16 12.10
C2' FAD E . -5.31 7.70 11.87
O2' FAD E . -6.54 8.38 12.06
C3' FAD E . -4.93 8.15 10.53
O3' FAD E . -3.63 7.60 10.37
C4' FAD E . -5.08 9.72 10.32
O4' FAD E . -3.81 10.25 10.34
C5' FAD E . -5.99 10.71 11.12
O5' FAD E . -6.01 12.04 10.51
P FAD E . -7.37 12.85 10.11
O1P FAD E . -7.12 13.97 9.12
O2P FAD E . -8.45 11.97 9.59
O3P FAD E . -7.85 13.52 11.49
ZN ZN F . 6.27 -7.37 14.26
C1 MZC G . -5.13 2.67 13.85
N1 MZC G . -1.93 1.11 13.58
C2 MZC G . -3.82 2.31 14.01
N2 MZC G . -2.68 4.25 18.24
O2 MZC G . -7.19 3.93 14.18
C3 MZC G . -3.23 1.21 13.23
N3 MZC G . -7.20 2.23 12.72
O3 MZC G . -9.20 3.43 13.07
C4 MZC G . -4.04 0.54 12.35
C5 MZC G . -5.37 0.91 12.22
C6 MZC G . -5.90 1.95 12.94
C7 MZC G . -2.74 2.82 14.83
C8 MZC G . -1.62 2.04 14.53
C10 MZC G . -2.82 3.95 15.82
C11 MZC G . -3.15 3.38 17.19
C13 MZC G . -3.45 5.16 18.82
C14 MZC G . -4.91 5.21 18.39
C17 MZC G . -7.79 3.22 13.37
C18 MZC G . -10.22 3.18 14.03
OXT MZC G . -3.00 5.92 19.66
PA FAD H . 3.92 -13.88 -14.84
O1A FAD H . 4.23 -12.88 -15.95
O2A FAD H . 2.51 -14.36 -14.95
O5B FAD H . 4.94 -15.10 -14.93
C5B FAD H . 6.11 -15.07 -15.71
C4B FAD H . 6.15 -16.40 -16.44
O4B FAD H . 5.86 -17.46 -15.55
C3B FAD H . 5.07 -16.43 -17.53
O3B FAD H . 5.68 -16.81 -18.73
C2B FAD H . 4.15 -17.50 -17.05
O2B FAD H . 3.49 -18.24 -18.06
C1B FAD H . 5.10 -18.38 -16.28
N9A FAD H . 4.36 -19.36 -15.48
C8A FAD H . 3.09 -19.24 -14.97
N7A FAD H . 2.78 -20.37 -14.32
C5A FAD H . 3.84 -21.22 -14.41
C6A FAD H . 4.06 -22.51 -13.94
N6A FAD H . 3.07 -23.18 -13.34
N1A FAD H . 5.27 -23.11 -14.21
C2A FAD H . 6.25 -22.47 -14.95
N3A FAD H . 6.02 -21.20 -15.41
C4A FAD H . 4.84 -20.60 -15.15
N1 FAD H . 8.61 -5.71 -9.06
C2 FAD H . 9.51 -5.50 -8.01
O2 FAD H . 10.46 -6.26 -7.87
N3 FAD H . 9.34 -4.44 -7.14
C4 FAD H . 8.26 -3.58 -7.34
O4 FAD H . 8.12 -2.65 -6.55
C4X FAD H . 7.35 -3.80 -8.41
N5 FAD H . 6.28 -2.95 -8.61
C5X FAD H . 5.37 -3.15 -9.65
C6 FAD H . 4.31 -2.27 -9.82
C7 FAD H . 3.38 -2.47 -10.85
C7M FAD H . 2.21 -1.53 -11.00
C8 FAD H . 3.56 -3.57 -11.72
C8M FAD H . 2.63 -3.85 -12.87
C9 FAD H . 4.64 -4.43 -11.53
C9A FAD H . 5.56 -4.22 -10.49
N10 FAD H . 6.62 -5.14 -10.32
C10 FAD H . 7.52 -4.89 -9.27
C1' FAD H . 6.78 -6.27 -11.33
C2' FAD H . 6.40 -7.78 -11.31
O2' FAD H . 5.88 -8.31 -12.55
C3' FAD H . 5.50 -8.24 -10.21
O3' FAD H . 6.12 -7.81 -9.00
C4' FAD H . 5.14 -9.77 -10.25
O4' FAD H . 5.87 -10.41 -9.24
C5' FAD H . 5.22 -10.69 -11.50
O5' FAD H . 4.51 -11.93 -11.28
P FAD H . 3.43 -12.62 -12.27
O1P FAD H . 2.49 -11.60 -12.85
O2P FAD H . 2.62 -13.73 -11.66
O3P FAD H . 4.36 -13.31 -13.42
#